data_9C16
#
_entry.id   9C16
#
_cell.length_a   76.091
_cell.length_b   42.264
_cell.length_c   66.148
_cell.angle_alpha   90.000
_cell.angle_beta   108.040
_cell.angle_gamma   90.000
#
_symmetry.space_group_name_H-M   'C 1 2 1'
#
loop_
_entity.id
_entity.type
_entity.pdbx_description
1 polymer 'Flavin reductase (NADPH)'
2 non-polymer '(3M)-3-[(8R)-3-ethyl-7-oxo-2-phenyl-4,7-dihydropyrazolo[1,5-a]pyrimidin-5-yl]benzoic acid'
3 non-polymer 'NADP NICOTINAMIDE-ADENINE-DINUCLEOTIDE PHOSPHATE'
4 water water
#
_entity_poly.entity_id   1
_entity_poly.type   'polypeptide(L)'
_entity_poly.pdbx_seq_one_letter_code
;GSRTMAVKKIAIFGATGQTGLTTLAQAVQAGYEVTVLVRDSSRLPSEGPRPAHVVVGDVLQAADVDKTVAGQDAVIVLLG
TRNDLSPTTVMSEGARNIVAAMKAHGVDKVVACTSAFLLWDPTKVPPRLQAVTDDHIRMHKVLRESGLKYVAVMPPHIGD
QPLTGAYTVTLDGRGPSRVISKHDLGHFMLRCLTTDEYDGHSTYPSHQYQ
;
_entity_poly.pdbx_strand_id   A
#
# COMPACT_ATOMS: atom_id res chain seq x y z
N ALA A 6 -5.47 -5.60 -19.33
CA ALA A 6 -4.70 -4.81 -18.38
C ALA A 6 -5.58 -4.33 -17.23
N VAL A 7 -4.93 -3.83 -16.18
CA VAL A 7 -5.62 -3.36 -14.99
C VAL A 7 -6.23 -2.00 -15.28
N LYS A 8 -7.52 -1.83 -14.93
CA LYS A 8 -8.24 -0.54 -15.17
C LYS A 8 -8.97 -0.09 -13.90
N LYS A 9 -9.59 -1.03 -13.22
CA LYS A 9 -10.33 -0.73 -11.98
C LYS A 9 -9.50 -1.18 -10.76
N ILE A 10 -9.18 -0.24 -9.89
CA ILE A 10 -8.46 -0.56 -8.68
C ILE A 10 -9.14 0.02 -7.46
N ALA A 11 -8.94 -0.69 -6.34
CA ALA A 11 -9.23 -0.22 -5.00
C ALA A 11 -7.94 0.22 -4.32
N ILE A 12 -7.99 1.35 -3.65
CA ILE A 12 -6.86 1.84 -2.85
C ILE A 12 -7.35 1.93 -1.41
N PHE A 13 -6.68 1.21 -0.52
CA PHE A 13 -6.89 1.36 0.91
C PHE A 13 -5.83 2.29 1.46
N GLY A 14 -6.25 3.24 2.30
CA GLY A 14 -5.31 4.23 2.81
C GLY A 14 -5.12 5.39 1.86
N ALA A 15 -6.12 5.70 1.05
CA ALA A 15 -6.00 6.72 0.02
C ALA A 15 -5.91 8.14 0.62
N THR A 16 -6.32 8.31 1.87
CA THR A 16 -6.31 9.64 2.47
C THR A 16 -5.03 9.93 3.26
N GLY A 17 -4.14 8.95 3.36
CA GLY A 17 -2.87 9.15 4.04
C GLY A 17 -1.81 9.88 3.23
N GLN A 18 -0.62 10.01 3.86
CA GLN A 18 0.49 10.72 3.24
C GLN A 18 0.81 10.17 1.84
N THR A 19 1.12 8.88 1.74
CA THR A 19 1.37 8.30 0.43
C THR A 19 0.07 8.08 -0.34
N GLY A 20 -0.98 7.68 0.34
CA GLY A 20 -2.26 7.45 -0.35
C GLY A 20 -2.71 8.60 -1.24
N LEU A 21 -2.60 9.83 -0.74
CA LEU A 21 -3.20 10.95 -1.45
C LEU A 21 -2.51 11.20 -2.79
N THR A 22 -1.19 11.02 -2.84
CA THR A 22 -0.48 11.24 -4.09
C THR A 22 -0.64 10.02 -5.00
N THR A 23 -0.79 8.84 -4.41
CA THR A 23 -1.05 7.64 -5.19
C THR A 23 -2.42 7.72 -5.84
N LEU A 24 -3.40 8.22 -5.10
CA LEU A 24 -4.74 8.46 -5.66
C LEU A 24 -4.68 9.47 -6.82
N ALA A 25 -3.97 10.58 -6.60
CA ALA A 25 -3.84 11.59 -7.66
C ALA A 25 -3.20 11.01 -8.90
N GLN A 26 -2.06 10.34 -8.76
CA GLN A 26 -1.37 9.78 -9.92
C GLN A 26 -2.20 8.71 -10.63
N ALA A 27 -2.94 7.92 -9.86
CA ALA A 27 -3.77 6.88 -10.45
C ALA A 27 -4.86 7.49 -11.32
N VAL A 28 -5.53 8.53 -10.84
CA VAL A 28 -6.63 9.19 -11.60
C VAL A 28 -5.99 9.89 -12.83
N GLN A 29 -4.83 10.53 -12.68
CA GLN A 29 -4.09 11.14 -13.83
C GLN A 29 -3.79 10.05 -14.88
N ALA A 30 -3.50 8.81 -14.47
CA ALA A 30 -3.06 7.71 -15.37
C ALA A 30 -4.27 7.08 -16.10
N GLY A 31 -5.50 7.38 -15.68
CA GLY A 31 -6.72 6.86 -16.34
C GLY A 31 -7.31 5.68 -15.58
N TYR A 32 -6.83 5.38 -14.38
CA TYR A 32 -7.46 4.31 -13.61
C TYR A 32 -8.86 4.72 -13.14
N GLU A 33 -9.74 3.72 -13.06
CA GLU A 33 -11.05 3.85 -12.41
C GLU A 33 -10.84 3.46 -10.95
N VAL A 34 -10.77 4.47 -10.07
CA VAL A 34 -10.33 4.29 -8.69
C VAL A 34 -11.52 4.26 -7.75
N THR A 35 -11.57 3.22 -6.92
CA THR A 35 -12.42 3.10 -5.75
C THR A 35 -11.57 3.23 -4.48
N VAL A 36 -12.06 3.99 -3.51
CA VAL A 36 -11.36 4.18 -2.23
C VAL A 36 -12.29 3.76 -1.10
N LEU A 37 -11.71 3.19 -0.04
CA LEU A 37 -12.36 3.03 1.24
C LEU A 37 -11.78 4.07 2.19
N VAL A 38 -12.63 4.93 2.74
CA VAL A 38 -12.15 5.96 3.64
C VAL A 38 -13.03 6.02 4.86
N ARG A 39 -12.44 6.49 5.98
CA ARG A 39 -13.20 6.59 7.22
C ARG A 39 -14.08 7.83 7.29
N ASP A 40 -13.74 8.84 6.49
CA ASP A 40 -14.53 10.09 6.39
C ASP A 40 -14.29 10.70 4.99
N SER A 41 -15.33 10.91 4.19
CA SER A 41 -15.23 11.55 2.86
C SER A 41 -14.61 12.95 3.00
N SER A 42 -14.69 13.57 4.18
CA SER A 42 -14.14 14.93 4.44
C SER A 42 -12.61 14.93 4.29
N ARG A 43 -11.95 13.77 4.38
CA ARG A 43 -10.46 13.67 4.28
C ARG A 43 -10.01 13.49 2.81
N LEU A 44 -10.92 13.35 1.85
CA LEU A 44 -10.55 13.33 0.45
C LEU A 44 -10.49 14.74 -0.13
N PRO A 45 -9.66 14.95 -1.16
CA PRO A 45 -9.60 16.27 -1.81
C PRO A 45 -10.94 16.64 -2.43
N SER A 46 -11.29 17.92 -2.32
CA SER A 46 -12.54 18.40 -2.88
C SER A 46 -12.38 18.95 -4.30
N GLU A 47 -11.17 19.32 -4.71
CA GLU A 47 -10.87 19.59 -6.11
C GLU A 47 -9.74 18.68 -6.57
N GLY A 48 -9.30 18.85 -7.81
CA GLY A 48 -8.21 18.06 -8.34
C GLY A 48 -8.66 16.67 -8.76
N PRO A 49 -7.70 15.77 -9.02
CA PRO A 49 -8.06 14.38 -9.32
C PRO A 49 -8.76 13.75 -8.14
N ARG A 50 -9.92 13.19 -8.39
CA ARG A 50 -10.73 12.55 -7.37
C ARG A 50 -11.15 11.15 -7.81
N PRO A 51 -11.47 10.28 -6.86
CA PRO A 51 -11.82 8.90 -7.21
C PRO A 51 -13.17 8.81 -7.87
N ALA A 52 -13.33 7.78 -8.72
CA ALA A 52 -14.62 7.54 -9.38
C ALA A 52 -15.66 6.99 -8.42
N HIS A 53 -15.22 6.32 -7.36
CA HIS A 53 -16.09 5.67 -6.39
C HIS A 53 -15.54 5.78 -4.98
N VAL A 54 -16.40 6.20 -4.04
CA VAL A 54 -16.05 6.35 -2.63
C VAL A 54 -16.95 5.47 -1.79
N VAL A 55 -16.34 4.60 -0.99
CA VAL A 55 -16.97 3.87 0.10
C VAL A 55 -16.50 4.48 1.42
N VAL A 56 -17.44 4.84 2.28
CA VAL A 56 -17.12 5.39 3.59
C VAL A 56 -17.32 4.30 4.64
N GLY A 57 -16.24 3.94 5.34
CA GLY A 57 -16.34 2.93 6.37
C GLY A 57 -14.95 2.60 6.92
N ASP A 58 -14.81 1.39 7.45
CA ASP A 58 -13.60 1.00 8.19
C ASP A 58 -13.03 -0.29 7.61
N VAL A 59 -11.71 -0.32 7.48
CA VAL A 59 -11.07 -1.53 6.99
C VAL A 59 -11.28 -2.67 7.98
N LEU A 60 -11.64 -2.35 9.22
CA LEU A 60 -11.94 -3.38 10.22
C LEU A 60 -13.34 -3.98 10.06
N GLN A 61 -14.16 -3.45 9.17
CA GLN A 61 -15.49 -3.99 8.90
C GLN A 61 -15.46 -4.76 7.59
N ALA A 62 -15.58 -6.08 7.69
CA ALA A 62 -15.48 -6.94 6.51
C ALA A 62 -16.50 -6.53 5.45
N ALA A 63 -17.69 -6.09 5.86
CA ALA A 63 -18.67 -5.67 4.87
C ALA A 63 -18.16 -4.45 4.11
N ASP A 64 -17.47 -3.54 4.80
CA ASP A 64 -16.99 -2.34 4.11
C ASP A 64 -15.88 -2.69 3.13
N VAL A 65 -15.01 -3.62 3.52
CA VAL A 65 -13.94 -4.04 2.62
C VAL A 65 -14.51 -4.80 1.43
N ASP A 66 -15.50 -5.65 1.67
CA ASP A 66 -16.13 -6.40 0.58
C ASP A 66 -16.69 -5.48 -0.49
N LYS A 67 -17.45 -4.45 -0.07
CA LYS A 67 -17.99 -3.50 -1.04
C LYS A 67 -16.88 -2.85 -1.85
N THR A 68 -15.71 -2.59 -1.22
CA THR A 68 -14.65 -1.87 -1.91
C THR A 68 -13.93 -2.77 -2.92
N VAL A 69 -13.75 -4.04 -2.58
CA VAL A 69 -12.96 -4.94 -3.43
C VAL A 69 -13.79 -5.51 -4.57
N ALA A 70 -15.11 -5.46 -4.46
CA ALA A 70 -15.98 -6.02 -5.48
C ALA A 70 -15.72 -5.34 -6.83
N GLY A 71 -15.55 -6.15 -7.88
CA GLY A 71 -15.42 -5.63 -9.22
C GLY A 71 -14.07 -5.08 -9.62
N GLN A 72 -13.07 -5.12 -8.75
CA GLN A 72 -11.79 -4.51 -9.09
C GLN A 72 -10.90 -5.51 -9.83
N ASP A 73 -9.90 -4.99 -10.54
CA ASP A 73 -8.83 -5.80 -11.14
C ASP A 73 -7.63 -5.97 -10.23
N ALA A 74 -7.40 -5.04 -9.29
CA ALA A 74 -6.23 -5.11 -8.43
C ALA A 74 -6.49 -4.21 -7.22
N VAL A 75 -5.61 -4.34 -6.22
CA VAL A 75 -5.77 -3.64 -4.94
C VAL A 75 -4.42 -3.08 -4.51
N ILE A 76 -4.43 -1.83 -4.07
N ILE A 76 -4.43 -1.85 -4.00
CA ILE A 76 -3.30 -1.18 -3.42
CA ILE A 76 -3.26 -1.18 -3.44
C ILE A 76 -3.60 -1.13 -1.94
C ILE A 76 -3.55 -0.98 -1.97
N VAL A 77 -2.59 -1.31 -1.12
CA VAL A 77 -2.73 -1.18 0.33
C VAL A 77 -1.68 -0.20 0.82
N LEU A 78 -2.15 0.92 1.35
CA LEU A 78 -1.34 1.98 1.99
C LEU A 78 -1.92 2.33 3.35
N LEU A 79 -2.43 1.32 4.04
CA LEU A 79 -2.83 1.46 5.42
C LEU A 79 -1.67 1.85 6.31
N GLY A 80 -1.99 2.53 7.41
CA GLY A 80 -0.99 2.97 8.36
C GLY A 80 -1.67 3.54 9.58
N THR A 81 -0.85 4.06 10.51
CA THR A 81 -1.33 4.45 11.82
C THR A 81 -1.23 5.95 12.02
N ARG A 82 -0.93 6.68 10.94
CA ARG A 82 -0.65 8.11 10.96
C ARG A 82 0.53 8.37 11.89
N ASN A 83 0.32 9.08 12.98
CA ASN A 83 1.46 9.38 13.84
C ASN A 83 1.53 8.49 15.07
N ASP A 84 0.64 7.51 15.20
CA ASP A 84 0.46 6.75 16.43
C ASP A 84 1.44 5.57 16.43
N LEU A 85 2.26 5.48 17.46
CA LEU A 85 3.25 4.41 17.59
C LEU A 85 2.81 3.30 18.54
N SER A 86 1.56 3.34 19.04
CA SER A 86 1.04 2.33 19.95
C SER A 86 1.00 0.92 19.32
N PRO A 87 0.95 -0.12 20.15
CA PRO A 87 0.67 -1.46 19.63
C PRO A 87 -0.66 -1.46 18.91
N THR A 88 -0.73 -2.26 17.85
CA THR A 88 -1.91 -2.19 16.99
C THR A 88 -2.01 -3.46 16.18
N THR A 89 -3.25 -3.81 15.81
CA THR A 89 -3.48 -4.84 14.80
C THR A 89 -4.34 -4.34 13.65
N VAL A 90 -4.46 -3.02 13.45
CA VAL A 90 -5.37 -2.51 12.41
C VAL A 90 -4.90 -2.94 11.02
N MET A 91 -3.59 -2.94 10.79
CA MET A 91 -3.10 -3.20 9.44
C MET A 91 -3.17 -4.70 9.11
N SER A 92 -2.93 -5.55 10.12
CA SER A 92 -2.94 -6.98 9.85
C SER A 92 -4.38 -7.51 9.81
N GLU A 93 -5.26 -6.98 10.65
CA GLU A 93 -6.68 -7.34 10.57
C GLU A 93 -7.32 -6.78 9.32
N GLY A 94 -7.01 -5.53 8.97
CA GLY A 94 -7.42 -5.00 7.68
C GLY A 94 -7.02 -5.92 6.54
N ALA A 95 -5.80 -6.43 6.60
CA ALA A 95 -5.30 -7.27 5.52
C ALA A 95 -6.03 -8.60 5.49
N ARG A 96 -6.35 -9.17 6.65
CA ARG A 96 -7.15 -10.40 6.63
C ARG A 96 -8.48 -10.15 5.92
N ASN A 97 -9.12 -9.01 6.19
CA ASN A 97 -10.39 -8.71 5.52
C ASN A 97 -10.21 -8.51 4.02
N ILE A 98 -9.14 -7.83 3.63
CA ILE A 98 -8.89 -7.53 2.23
C ILE A 98 -8.66 -8.82 1.47
N VAL A 99 -7.84 -9.72 2.04
CA VAL A 99 -7.59 -11.01 1.39
C VAL A 99 -8.89 -11.81 1.24
N ALA A 100 -9.67 -11.90 2.31
CA ALA A 100 -10.95 -12.60 2.27
C ALA A 100 -11.83 -12.08 1.14
N ALA A 101 -11.95 -10.75 1.04
CA ALA A 101 -12.77 -10.13 0.00
C ALA A 101 -12.21 -10.43 -1.38
N MET A 102 -10.88 -10.30 -1.55
CA MET A 102 -10.28 -10.59 -2.86
C MET A 102 -10.59 -12.02 -3.30
N LYS A 103 -10.53 -12.96 -2.37
CA LYS A 103 -10.81 -14.33 -2.76
C LYS A 103 -12.28 -14.52 -3.08
N ALA A 104 -13.16 -13.91 -2.29
CA ALA A 104 -14.58 -14.05 -2.57
C ALA A 104 -14.94 -13.51 -3.94
N HIS A 105 -14.26 -12.48 -4.39
CA HIS A 105 -14.62 -11.80 -5.63
C HIS A 105 -13.75 -12.18 -6.81
N GLY A 106 -12.72 -13.00 -6.60
CA GLY A 106 -11.82 -13.36 -7.67
C GLY A 106 -10.85 -12.28 -8.10
N VAL A 107 -10.47 -11.38 -7.18
CA VAL A 107 -9.39 -10.42 -7.42
C VAL A 107 -8.08 -11.05 -6.96
N ASP A 108 -7.07 -11.04 -7.83
CA ASP A 108 -5.88 -11.84 -7.60
C ASP A 108 -4.61 -11.04 -7.34
N LYS A 109 -4.63 -9.72 -7.49
CA LYS A 109 -3.42 -8.89 -7.48
C LYS A 109 -3.50 -7.86 -6.36
N VAL A 110 -2.53 -7.89 -5.46
CA VAL A 110 -2.46 -6.93 -4.37
C VAL A 110 -1.03 -6.40 -4.22
N VAL A 111 -0.91 -5.09 -4.14
CA VAL A 111 0.35 -4.39 -3.98
C VAL A 111 0.26 -3.68 -2.65
N ALA A 112 1.10 -4.06 -1.68
CA ALA A 112 0.90 -3.64 -0.31
C ALA A 112 2.18 -3.12 0.31
N CYS A 113 2.06 -1.98 0.99
CA CYS A 113 3.17 -1.30 1.64
C CYS A 113 3.31 -1.74 3.09
N THR A 114 4.50 -2.24 3.45
CA THR A 114 4.81 -2.48 4.85
C THR A 114 6.02 -1.58 5.17
N SER A 115 7.24 -2.11 5.16
CA SER A 115 8.39 -1.35 5.59
C SER A 115 9.68 -2.15 5.39
N ALA A 116 10.74 -1.43 5.07
CA ALA A 116 12.05 -2.05 4.93
C ALA A 116 12.58 -2.64 6.24
N PHE A 117 12.08 -2.23 7.40
CA PHE A 117 12.50 -2.95 8.60
C PHE A 117 12.25 -4.45 8.51
N LEU A 118 11.31 -4.91 7.67
CA LEU A 118 11.18 -6.36 7.49
C LEU A 118 12.40 -6.97 6.82
N LEU A 119 13.29 -6.16 6.25
CA LEU A 119 14.52 -6.64 5.64
C LEU A 119 15.75 -6.32 6.48
N TRP A 120 15.55 -5.75 7.66
CA TRP A 120 16.67 -5.39 8.53
C TRP A 120 16.96 -6.52 9.52
N ASP A 121 18.20 -6.57 9.97
CA ASP A 121 18.56 -7.30 11.18
C ASP A 121 17.64 -6.89 12.32
N PRO A 122 16.94 -7.84 12.96
CA PRO A 122 15.97 -7.44 13.99
C PRO A 122 16.58 -6.77 15.21
N THR A 123 17.86 -6.98 15.52
CA THR A 123 18.45 -6.25 16.64
C THR A 123 18.71 -4.78 16.29
N LYS A 124 18.51 -4.38 15.04
CA LYS A 124 18.79 -3.03 14.63
C LYS A 124 17.54 -2.16 14.48
N VAL A 125 16.35 -2.76 14.51
CA VAL A 125 15.12 -1.97 14.41
C VAL A 125 14.99 -1.08 15.63
N PRO A 126 14.76 0.22 15.45
CA PRO A 126 14.59 1.13 16.63
C PRO A 126 13.48 0.66 17.54
N PRO A 127 13.74 0.45 18.83
CA PRO A 127 12.66 0.01 19.74
C PRO A 127 11.41 0.88 19.69
N ARG A 128 11.55 2.19 19.45
CA ARG A 128 10.37 3.06 19.45
C ARG A 128 9.43 2.70 18.32
N LEU A 129 9.96 2.14 17.24
CA LEU A 129 9.17 1.76 16.08
C LEU A 129 8.77 0.29 16.07
N GLN A 130 9.10 -0.47 17.11
CA GLN A 130 8.89 -1.90 17.06
C GLN A 130 7.41 -2.25 17.08
N ALA A 131 6.58 -1.45 17.76
CA ALA A 131 5.18 -1.85 17.91
C ALA A 131 4.47 -1.82 16.58
N VAL A 132 4.74 -0.79 15.78
CA VAL A 132 4.16 -0.71 14.45
C VAL A 132 4.77 -1.79 13.56
N THR A 133 6.08 -1.94 13.62
CA THR A 133 6.76 -2.97 12.84
C THR A 133 6.18 -4.36 13.11
N ASP A 134 5.83 -4.66 14.36
CA ASP A 134 5.25 -5.96 14.68
C ASP A 134 4.00 -6.22 13.86
N ASP A 135 3.18 -5.20 13.65
CA ASP A 135 1.97 -5.46 12.86
C ASP A 135 2.26 -5.46 11.36
N HIS A 136 3.27 -4.71 10.92
CA HIS A 136 3.74 -4.85 9.54
C HIS A 136 4.14 -6.30 9.29
N ILE A 137 4.86 -6.91 10.24
CA ILE A 137 5.24 -8.33 10.08
C ILE A 137 3.99 -9.21 10.00
N ARG A 138 3.03 -8.98 10.89
CA ARG A 138 1.80 -9.79 10.86
C ARG A 138 1.06 -9.59 9.55
N MET A 139 0.98 -8.35 9.04
CA MET A 139 0.30 -8.11 7.77
C MET A 139 1.01 -8.78 6.60
N HIS A 140 2.33 -8.72 6.56
CA HIS A 140 3.08 -9.40 5.52
C HIS A 140 2.82 -10.89 5.57
N LYS A 141 2.74 -11.45 6.78
CA LYS A 141 2.50 -12.88 6.86
C LYS A 141 1.15 -13.23 6.28
N VAL A 142 0.13 -12.44 6.61
CA VAL A 142 -1.21 -12.66 6.06
C VAL A 142 -1.17 -12.66 4.55
N LEU A 143 -0.50 -11.67 3.96
CA LEU A 143 -0.49 -11.56 2.51
C LEU A 143 0.37 -12.64 1.86
N ARG A 144 1.55 -12.94 2.45
CA ARG A 144 2.41 -14.01 1.93
C ARG A 144 1.67 -15.33 1.83
N GLU A 145 0.90 -15.67 2.87
CA GLU A 145 0.25 -16.97 2.98
C GLU A 145 -1.03 -17.03 2.18
N SER A 146 -1.46 -15.92 1.60
CA SER A 146 -2.78 -15.85 0.97
C SER A 146 -2.83 -16.59 -0.35
N GLY A 147 -1.69 -16.81 -1.00
CA GLY A 147 -1.72 -17.36 -2.34
C GLY A 147 -2.03 -16.37 -3.44
N LEU A 148 -2.28 -15.10 -3.10
CA LEU A 148 -2.57 -14.13 -4.15
C LEU A 148 -1.29 -13.67 -4.81
N LYS A 149 -1.42 -12.97 -5.92
CA LYS A 149 -0.29 -12.31 -6.56
C LYS A 149 -0.01 -11.07 -5.71
N TYR A 150 1.03 -11.17 -4.88
CA TYR A 150 1.34 -10.20 -3.84
C TYR A 150 2.71 -9.59 -4.09
N VAL A 151 2.72 -8.27 -4.30
CA VAL A 151 3.97 -7.50 -4.31
C VAL A 151 4.13 -6.81 -2.96
N ALA A 152 5.17 -7.20 -2.22
CA ALA A 152 5.50 -6.67 -0.91
C ALA A 152 6.42 -5.48 -1.11
N VAL A 153 5.87 -4.28 -0.91
CA VAL A 153 6.61 -3.04 -1.05
C VAL A 153 7.10 -2.64 0.36
N MET A 154 8.42 -2.51 0.49
CA MET A 154 9.08 -2.36 1.80
C MET A 154 9.99 -1.14 1.73
N PRO A 155 9.43 0.08 1.90
CA PRO A 155 10.21 1.30 1.72
C PRO A 155 11.00 1.63 2.97
N PRO A 156 12.13 2.30 2.81
CA PRO A 156 12.78 2.95 3.96
C PRO A 156 12.03 4.22 4.32
N HIS A 157 12.71 5.25 4.81
CA HIS A 157 12.02 6.49 5.23
C HIS A 157 11.24 7.13 4.08
N ILE A 158 9.99 7.50 4.32
CA ILE A 158 9.16 8.16 3.32
C ILE A 158 9.31 9.67 3.49
N GLY A 159 9.82 10.35 2.46
CA GLY A 159 10.04 11.79 2.51
C GLY A 159 9.04 12.60 1.70
N ASP A 160 9.27 13.91 1.67
CA ASP A 160 8.39 14.81 0.91
C ASP A 160 9.13 15.47 -0.25
N GLN A 161 10.13 14.80 -0.79
CA GLN A 161 10.81 15.27 -2.00
C GLN A 161 9.91 15.07 -3.21
N PRO A 162 10.25 15.65 -4.37
CA PRO A 162 9.34 15.61 -5.51
C PRO A 162 9.27 14.23 -6.14
N LEU A 163 8.22 14.08 -6.96
CA LEU A 163 8.18 12.98 -7.91
C LEU A 163 9.38 13.05 -8.86
N THR A 164 10.08 11.94 -9.02
CA THR A 164 11.11 11.86 -10.02
C THR A 164 10.92 10.72 -11.00
N GLY A 165 10.36 9.59 -10.55
CA GLY A 165 10.30 8.37 -11.35
C GLY A 165 11.65 7.76 -11.61
N ALA A 166 12.70 8.25 -10.92
CA ALA A 166 14.09 7.84 -11.16
C ALA A 166 14.68 6.99 -10.05
N TYR A 167 13.85 6.49 -9.14
CA TYR A 167 14.31 5.71 -8.01
C TYR A 167 14.81 4.32 -8.46
N THR A 168 15.65 3.73 -7.62
CA THR A 168 16.10 2.35 -7.78
C THR A 168 15.12 1.40 -7.11
N VAL A 169 14.84 0.27 -7.76
CA VAL A 169 14.04 -0.80 -7.17
C VAL A 169 14.95 -1.97 -6.89
N THR A 170 15.08 -2.33 -5.62
CA THR A 170 15.92 -3.42 -5.17
C THR A 170 15.05 -4.59 -4.76
N LEU A 171 15.37 -5.78 -5.25
CA LEU A 171 14.53 -6.94 -5.02
C LEU A 171 15.11 -7.84 -3.93
N ASP A 172 14.24 -8.22 -2.99
CA ASP A 172 14.53 -9.22 -1.97
C ASP A 172 15.77 -8.85 -1.16
N GLY A 173 15.93 -7.55 -0.94
CA GLY A 173 17.04 -7.07 -0.13
C GLY A 173 16.96 -5.57 0.05
N ARG A 174 17.93 -5.04 0.79
CA ARG A 174 18.02 -3.61 1.05
C ARG A 174 18.77 -2.91 -0.08
N GLY A 175 18.32 -1.72 -0.42
CA GLY A 175 18.92 -0.93 -1.49
C GLY A 175 19.87 0.16 -1.02
N PRO A 176 20.40 0.94 -1.96
CA PRO A 176 21.55 1.82 -1.64
C PRO A 176 21.20 3.14 -0.96
N SER A 177 19.93 3.53 -0.90
CA SER A 177 19.50 4.77 -0.25
C SER A 177 18.46 4.42 0.81
N ARG A 178 18.30 5.33 1.79
CA ARG A 178 17.41 5.07 2.92
C ARG A 178 16.21 6.00 2.95
N VAL A 179 15.93 6.71 1.85
CA VAL A 179 14.74 7.54 1.70
C VAL A 179 14.10 7.22 0.36
N ILE A 180 12.78 7.41 0.32
CA ILE A 180 12.00 7.40 -0.91
C ILE A 180 10.91 8.44 -0.73
N SER A 181 10.76 9.33 -1.70
CA SER A 181 9.71 10.33 -1.57
C SER A 181 8.34 9.67 -1.68
N LYS A 182 7.35 10.24 -0.97
CA LYS A 182 6.00 9.71 -1.02
C LYS A 182 5.46 9.68 -2.44
N HIS A 183 5.85 10.64 -3.28
CA HIS A 183 5.37 10.63 -4.65
C HIS A 183 5.97 9.50 -5.46
N ASP A 184 7.26 9.22 -5.26
CA ASP A 184 7.89 8.10 -5.95
C ASP A 184 7.38 6.76 -5.41
N LEU A 185 7.12 6.67 -4.11
CA LEU A 185 6.56 5.43 -3.57
C LEU A 185 5.21 5.16 -4.20
N GLY A 186 4.36 6.17 -4.27
CA GLY A 186 3.08 5.99 -4.95
C GLY A 186 3.26 5.63 -6.41
N HIS A 187 4.16 6.33 -7.10
CA HIS A 187 4.48 6.01 -8.48
C HIS A 187 4.85 4.53 -8.62
N PHE A 188 5.69 4.04 -7.70
CA PHE A 188 6.11 2.65 -7.78
C PHE A 188 4.94 1.71 -7.54
N MET A 189 4.09 2.00 -6.55
N MET A 189 4.05 2.01 -6.61
CA MET A 189 2.90 1.18 -6.29
CA MET A 189 2.95 1.08 -6.33
C MET A 189 2.13 0.98 -7.57
C MET A 189 1.96 1.02 -7.48
N LEU A 190 1.89 2.08 -8.30
CA LEU A 190 1.13 1.99 -9.54
C LEU A 190 1.91 1.26 -10.62
N ARG A 191 3.23 1.44 -10.68
CA ARG A 191 4.01 0.67 -11.66
C ARG A 191 3.80 -0.82 -11.47
N CYS A 192 3.61 -1.27 -10.22
CA CYS A 192 3.44 -2.68 -9.94
C CYS A 192 2.14 -3.24 -10.48
N LEU A 193 1.21 -2.39 -10.89
CA LEU A 193 -0.02 -2.86 -11.50
C LEU A 193 0.16 -3.19 -12.98
N THR A 194 1.19 -2.66 -13.60
CA THR A 194 1.41 -2.77 -15.03
C THR A 194 2.30 -3.96 -15.39
N THR A 195 2.80 -4.68 -14.40
CA THR A 195 3.76 -5.76 -14.61
C THR A 195 3.59 -6.81 -13.52
N ASP A 196 3.92 -8.06 -13.85
CA ASP A 196 3.89 -9.15 -12.89
C ASP A 196 5.29 -9.55 -12.41
N GLU A 197 6.32 -8.86 -12.87
CA GLU A 197 7.70 -9.26 -12.60
C GLU A 197 8.15 -9.08 -11.14
N TYR A 198 7.42 -8.30 -10.35
CA TYR A 198 7.66 -8.18 -8.92
C TYR A 198 6.81 -9.11 -8.08
N ASP A 199 5.88 -9.85 -8.68
CA ASP A 199 4.99 -10.69 -7.90
C ASP A 199 5.81 -11.69 -7.08
N GLY A 200 5.47 -11.87 -5.80
CA GLY A 200 6.15 -12.87 -4.97
C GLY A 200 7.51 -12.43 -4.42
N HIS A 201 7.93 -11.23 -4.76
CA HIS A 201 9.21 -10.68 -4.28
C HIS A 201 9.00 -9.56 -3.27
N SER A 202 10.04 -9.25 -2.51
N SER A 202 10.06 -9.24 -2.52
CA SER A 202 10.03 -8.02 -1.68
CA SER A 202 10.02 -8.02 -1.68
C SER A 202 10.63 -6.91 -2.56
C SER A 202 10.67 -6.90 -2.51
N THR A 203 10.20 -5.71 -2.45
CA THR A 203 10.62 -4.56 -3.31
C THR A 203 10.99 -3.34 -2.46
N TYR A 204 12.22 -2.87 -2.59
CA TYR A 204 12.74 -1.72 -1.82
C TYR A 204 12.97 -0.56 -2.79
N PRO A 205 12.01 0.39 -2.91
CA PRO A 205 12.26 1.60 -3.73
C PRO A 205 13.10 2.59 -2.92
N SER A 206 14.12 3.18 -3.55
CA SER A 206 14.90 4.20 -2.83
C SER A 206 15.56 5.12 -3.84
N HIS A 207 15.94 6.32 -3.38
CA HIS A 207 16.54 7.27 -4.29
C HIS A 207 17.35 8.31 -3.51
N GLN A 208 18.22 9.01 -4.23
CA GLN A 208 18.98 10.11 -3.65
C GLN A 208 18.42 11.40 -4.22
N TYR A 209 17.91 12.26 -3.35
CA TYR A 209 17.36 13.54 -3.80
C TYR A 209 18.35 14.67 -3.43
#